data_6Z6Q
#
_entry.id   6Z6Q
#
_cell.length_a   49.620
_cell.length_b   91.371
_cell.length_c   122.701
_cell.angle_alpha   90.000
_cell.angle_beta   90.000
_cell.angle_gamma   90.000
#
_symmetry.space_group_name_H-M   'P 21 21 21'
#
loop_
_entity.id
_entity.type
_entity.pdbx_description
1 polymer 'Aspartyl/asparaginyl beta-hydroxylase'
2 polymer 'Coagulation factor X'
3 non-polymer GLYCEROL
4 non-polymer 'MANGANESE (II) ION'
5 non-polymer '(3~{R})-3-ethyl-2-oxidanylidene-pentanedioic acid'
6 water water
#
loop_
_entity_poly.entity_id
_entity_poly.type
_entity_poly.pdbx_seq_one_letter_code
_entity_poly.pdbx_strand_id
1 'polypeptide(L)'
;KPKLLNKFDKTIKAELDAAEKLRKRGKIEEAVNAFKELVRKYPQSPRARYGKAQCEDDLAEKRRSNEVLRGAIETYQEVA
SLPDVPADLLKLSLKRRSDRQQFLGHMRGSLLTLQRLVQLFPNDTSLKNDLGVGYLLIGDNDNAKKVYEEVLSVTPNDGF
AKVHYGFILKAQNKIAESIPYLKEGIESGDPGTDDGRFYFHLGDAMQRVGNKEAYKWYELGHKRGHFASVWQRSLYNVNG
LKAQPWWTPKETGYTELVKSLERNWKLIRDEGLAVMDKAKGLFLPEDENLREKGDWSQFTLWQQGRRNENACKGAPKTCT
LLEKFPETTGCRRGQIKYSIMHPGTHVWPHTGPTNCRLRMHLGLVIPKEGCKIRCANETKTWEEGKVLIFDDSFEHEVWQ
DASSFRLIFIVDVWHPELTPQQRRSLPAI
;
A
2 'polypeptide(L)' DGDQSETSPSQNQGKCKDGLGEYTCTSLEGFEGKNSELF B
#
loop_
_chem_comp.id
_chem_comp.type
_chem_comp.name
_chem_comp.formula
GOL non-polymer GLYCEROL 'C3 H8 O3'
MN non-polymer 'MANGANESE (II) ION' 'Mn 2'
QA8 non-polymer '(3~{R})-3-ethyl-2-oxidanylidene-pentanedioic acid' 'C7 H10 O5'
#
# COMPACT_ATOMS: atom_id res chain seq x y z
N LYS A 1 -29.88 3.14 -20.33
CA LYS A 1 -29.14 2.16 -21.12
C LYS A 1 -29.25 0.76 -20.50
N PRO A 2 -28.79 0.61 -19.26
CA PRO A 2 -28.73 -0.74 -18.67
C PRO A 2 -30.10 -1.35 -18.54
N LYS A 3 -30.21 -2.62 -18.90
CA LYS A 3 -31.49 -3.34 -18.86
C LYS A 3 -31.55 -4.13 -17.57
N LEU A 4 -32.32 -3.63 -16.61
CA LEU A 4 -32.35 -4.15 -15.26
C LEU A 4 -33.63 -4.88 -14.92
N LEU A 5 -34.64 -4.87 -15.80
CA LEU A 5 -35.94 -5.41 -15.50
C LEU A 5 -36.22 -6.64 -16.34
N ASN A 6 -36.39 -7.79 -15.69
CA ASN A 6 -36.83 -8.98 -16.38
C ASN A 6 -38.33 -8.87 -16.67
N LYS A 7 -38.92 -9.96 -17.16
CA LYS A 7 -40.30 -9.91 -17.65
C LYS A 7 -41.27 -9.55 -16.54
N PHE A 8 -41.18 -10.21 -15.40
CA PHE A 8 -42.10 -9.92 -14.31
C PHE A 8 -41.87 -8.53 -13.73
N ASP A 9 -40.62 -8.05 -13.70
CA ASP A 9 -40.34 -6.76 -13.06
C ASP A 9 -40.92 -5.62 -13.88
N LYS A 10 -41.08 -5.81 -15.18
CA LYS A 10 -41.74 -4.82 -16.02
C LYS A 10 -43.21 -4.64 -15.63
N THR A 11 -43.84 -5.67 -15.12
CA THR A 11 -45.23 -5.55 -14.69
C THR A 11 -45.37 -4.89 -13.33
N ILE A 12 -44.30 -4.69 -12.57
CA ILE A 12 -44.40 -3.96 -11.32
C ILE A 12 -43.47 -2.76 -11.32
N LYS A 13 -43.07 -2.33 -12.52
CA LYS A 13 -42.22 -1.15 -12.65
C LYS A 13 -42.77 0.09 -11.92
N ALA A 14 -44.10 0.25 -11.80
CA ALA A 14 -44.59 1.43 -11.10
C ALA A 14 -44.14 1.44 -9.64
N GLU A 15 -44.38 0.32 -8.94
CA GLU A 15 -43.90 0.18 -7.56
C GLU A 15 -42.39 0.30 -7.47
N LEU A 16 -41.67 -0.38 -8.37
CA LEU A 16 -40.21 -0.33 -8.30
C LEU A 16 -39.71 1.09 -8.47
N ASP A 17 -40.30 1.84 -9.42
CA ASP A 17 -39.90 3.22 -9.65
C ASP A 17 -40.23 4.11 -8.44
N ALA A 18 -41.39 3.91 -7.83
CA ALA A 18 -41.74 4.73 -6.67
C ALA A 18 -40.71 4.54 -5.56
N ALA A 19 -40.36 3.27 -5.27
CA ALA A 19 -39.34 3.00 -4.24
C ALA A 19 -37.98 3.59 -4.61
N GLU A 20 -37.58 3.45 -5.87
CA GLU A 20 -36.30 4.01 -6.30
C GLU A 20 -36.32 5.53 -6.23
N LYS A 21 -37.46 6.15 -6.54
CA LYS A 21 -37.53 7.60 -6.42
C LYS A 21 -37.24 8.01 -4.99
N LEU A 22 -37.88 7.33 -4.03
CA LEU A 22 -37.59 7.66 -2.64
C LEU A 22 -36.11 7.57 -2.38
N ARG A 23 -35.46 6.52 -2.89
CA ARG A 23 -34.02 6.38 -2.64
C ARG A 23 -33.26 7.57 -3.23
N LYS A 24 -33.57 7.93 -4.48
CA LYS A 24 -32.78 9.00 -5.10
C LYS A 24 -33.14 10.39 -4.56
N ARG A 25 -34.24 10.52 -3.81
CA ARG A 25 -34.49 11.78 -3.10
C ARG A 25 -33.76 11.86 -1.77
N GLY A 26 -32.98 10.83 -1.40
CA GLY A 26 -32.33 10.78 -0.11
C GLY A 26 -33.21 10.34 1.04
N LYS A 27 -34.46 9.93 0.78
CA LYS A 27 -35.32 9.41 1.85
C LYS A 27 -34.97 7.94 2.06
N ILE A 28 -33.75 7.72 2.56
CA ILE A 28 -33.18 6.37 2.64
C ILE A 28 -34.09 5.45 3.45
N GLU A 29 -34.48 5.88 4.64
CA GLU A 29 -35.27 5.00 5.49
C GLU A 29 -36.57 4.60 4.80
N GLU A 30 -37.26 5.57 4.18
CA GLU A 30 -38.48 5.28 3.45
C GLU A 30 -38.20 4.32 2.29
N ALA A 31 -37.16 4.59 1.51
CA ALA A 31 -36.81 3.70 0.42
C ALA A 31 -36.53 2.28 0.92
N VAL A 32 -35.77 2.14 2.01
CA VAL A 32 -35.48 0.83 2.58
C VAL A 32 -36.79 0.10 2.88
N ASN A 33 -37.70 0.76 3.56
CA ASN A 33 -38.95 0.08 3.93
C ASN A 33 -39.80 -0.22 2.71
N ALA A 34 -39.76 0.64 1.71
CA ALA A 34 -40.51 0.38 0.48
C ALA A 34 -39.95 -0.81 -0.29
N PHE A 35 -38.63 -0.91 -0.38
CA PHE A 35 -38.05 -2.05 -1.07
C PHE A 35 -38.20 -3.32 -0.26
N LYS A 36 -38.22 -3.24 1.07
CA LYS A 36 -38.46 -4.44 1.87
C LYS A 36 -39.89 -4.93 1.68
N GLU A 37 -40.85 -4.01 1.62
CA GLU A 37 -42.21 -4.38 1.25
C GLU A 37 -42.24 -5.05 -0.12
N LEU A 38 -41.54 -4.47 -1.11
CA LEU A 38 -41.53 -5.09 -2.43
C LEU A 38 -40.85 -6.47 -2.43
N VAL A 39 -39.83 -6.66 -1.60
CA VAL A 39 -39.18 -7.96 -1.50
C VAL A 39 -40.10 -8.98 -0.84
N ARG A 40 -40.88 -8.57 0.15
CA ARG A 40 -41.76 -9.55 0.77
C ARG A 40 -42.94 -9.88 -0.15
N LYS A 41 -43.41 -8.89 -0.91
CA LYS A 41 -44.52 -9.11 -1.82
C LYS A 41 -44.07 -9.89 -3.06
N TYR A 42 -42.85 -9.59 -3.54
CA TYR A 42 -42.29 -10.15 -4.76
C TYR A 42 -40.92 -10.72 -4.45
N PRO A 43 -40.88 -11.83 -3.70
CA PRO A 43 -39.59 -12.34 -3.22
C PRO A 43 -38.65 -12.81 -4.30
N GLN A 44 -39.11 -13.01 -5.53
CA GLN A 44 -38.23 -13.43 -6.62
C GLN A 44 -37.75 -12.26 -7.46
N SER A 45 -38.22 -11.06 -7.17
CA SER A 45 -37.90 -9.89 -7.96
C SER A 45 -36.44 -9.51 -7.83
N PRO A 46 -35.66 -9.55 -8.92
CA PRO A 46 -34.27 -9.08 -8.83
C PRO A 46 -34.15 -7.58 -8.59
N ARG A 47 -35.01 -6.78 -9.24
CA ARG A 47 -34.89 -5.34 -9.11
C ARG A 47 -35.27 -4.88 -7.71
N ALA A 48 -36.28 -5.50 -7.11
CA ALA A 48 -36.60 -5.14 -5.73
C ALA A 48 -35.45 -5.47 -4.79
N ARG A 49 -34.83 -6.63 -4.97
CA ARG A 49 -33.72 -7.04 -4.12
C ARG A 49 -32.54 -6.09 -4.29
N TYR A 50 -32.26 -5.69 -5.54
CA TYR A 50 -31.20 -4.74 -5.82
C TYR A 50 -31.49 -3.39 -5.21
N GLY A 51 -32.77 -2.98 -5.20
CA GLY A 51 -33.12 -1.75 -4.52
C GLY A 51 -32.87 -1.83 -3.03
N LYS A 52 -33.26 -2.94 -2.42
N LYS A 52 -33.27 -2.94 -2.41
CA LYS A 52 -32.94 -3.15 -1.00
CA LYS A 52 -32.94 -3.17 -1.01
C LYS A 52 -31.45 -3.00 -0.77
C LYS A 52 -31.45 -3.00 -0.77
N ALA A 53 -30.63 -3.64 -1.59
CA ALA A 53 -29.18 -3.58 -1.42
C ALA A 53 -28.65 -2.16 -1.59
N GLN A 54 -29.01 -1.51 -2.69
CA GLN A 54 -28.56 -0.15 -2.92
C GLN A 54 -28.98 0.78 -1.78
N CYS A 55 -30.18 0.58 -1.23
CA CYS A 55 -30.60 1.37 -0.07
C CYS A 55 -29.73 1.10 1.14
N GLU A 56 -29.42 -0.17 1.42
CA GLU A 56 -28.50 -0.46 2.52
C GLU A 56 -27.14 0.20 2.29
N ASP A 57 -26.70 0.22 1.03
CA ASP A 57 -25.42 0.82 0.68
C ASP A 57 -25.42 2.31 0.97
N ASP A 58 -26.45 3.01 0.48
CA ASP A 58 -26.60 4.42 0.79
C ASP A 58 -26.67 4.64 2.31
N LEU A 59 -27.30 3.70 3.02
CA LEU A 59 -27.46 3.86 4.46
C LEU A 59 -26.12 3.74 5.17
N ALA A 60 -25.30 2.78 4.77
CA ALA A 60 -23.95 2.69 5.32
C ALA A 60 -23.17 3.95 5.04
N GLU A 61 -23.33 4.49 3.82
CA GLU A 61 -22.66 5.73 3.46
C GLU A 61 -23.06 6.87 4.39
N LYS A 62 -24.36 7.03 4.64
CA LYS A 62 -24.82 8.15 5.46
C LYS A 62 -24.44 7.95 6.92
N ARG A 63 -24.52 6.71 7.41
CA ARG A 63 -24.18 6.40 8.78
C ARG A 63 -22.69 6.13 8.96
N ARG A 64 -21.94 6.00 7.87
CA ARG A 64 -20.51 5.66 7.94
C ARG A 64 -20.30 4.43 8.82
N SER A 65 -21.17 3.43 8.66
CA SER A 65 -21.07 2.20 9.44
C SER A 65 -20.79 1.03 8.50
N ASN A 66 -19.74 0.27 8.87
CA ASN A 66 -19.38 -0.93 8.12
C ASN A 66 -20.41 -2.04 8.33
N GLU A 67 -21.05 -2.06 9.49
CA GLU A 67 -22.08 -3.06 9.78
C GLU A 67 -23.19 -3.05 8.74
N VAL A 68 -23.76 -1.87 8.50
CA VAL A 68 -24.78 -1.69 7.47
C VAL A 68 -24.26 -2.12 6.11
N LEU A 69 -23.00 -1.81 5.81
CA LEU A 69 -22.47 -2.17 4.48
C LEU A 69 -22.30 -3.68 4.33
N ARG A 70 -21.97 -4.40 5.40
CA ARG A 70 -21.96 -5.86 5.34
C ARG A 70 -23.33 -6.41 5.01
N GLY A 71 -24.38 -5.83 5.63
CA GLY A 71 -25.73 -6.21 5.24
C GLY A 71 -25.97 -6.02 3.75
N ALA A 72 -25.57 -4.87 3.23
CA ALA A 72 -25.74 -4.63 1.80
C ALA A 72 -24.99 -5.67 0.96
N ILE A 73 -23.80 -6.07 1.40
CA ILE A 73 -23.01 -7.04 0.64
C ILE A 73 -23.79 -8.34 0.48
N GLU A 74 -24.36 -8.83 1.59
CA GLU A 74 -25.19 -10.03 1.48
C GLU A 74 -26.40 -9.79 0.55
N THR A 75 -27.01 -8.61 0.59
CA THR A 75 -28.17 -8.44 -0.28
C THR A 75 -27.76 -8.43 -1.75
N TYR A 76 -26.61 -7.81 -2.06
CA TYR A 76 -26.07 -7.91 -3.42
C TYR A 76 -25.91 -9.35 -3.85
N GLN A 77 -25.46 -10.21 -2.94
CA GLN A 77 -25.36 -11.63 -3.28
C GLN A 77 -26.75 -12.22 -3.52
N GLU A 78 -27.70 -11.86 -2.65
CA GLU A 78 -29.06 -12.37 -2.79
C GLU A 78 -29.57 -12.09 -4.20
N VAL A 79 -29.33 -10.88 -4.71
CA VAL A 79 -29.79 -10.56 -6.06
C VAL A 79 -29.35 -11.64 -7.03
N ALA A 80 -28.07 -11.98 -7.00
CA ALA A 80 -27.58 -12.93 -7.98
C ALA A 80 -28.08 -14.34 -7.73
N SER A 81 -28.65 -14.60 -6.54
CA SER A 81 -29.21 -15.91 -6.28
C SER A 81 -30.64 -16.09 -6.79
N LEU A 82 -31.31 -15.02 -7.24
CA LEU A 82 -32.69 -15.10 -7.70
C LEU A 82 -32.74 -15.69 -9.11
N PRO A 83 -33.91 -16.10 -9.57
CA PRO A 83 -34.02 -16.60 -10.95
C PRO A 83 -34.24 -15.49 -11.93
N ASP A 84 -33.87 -15.79 -13.17
CA ASP A 84 -34.14 -14.91 -14.30
C ASP A 84 -33.63 -13.50 -14.05
N VAL A 85 -32.38 -13.41 -13.60
CA VAL A 85 -31.78 -12.08 -13.38
C VAL A 85 -31.24 -11.55 -14.71
N PRO A 86 -31.58 -10.33 -15.11
CA PRO A 86 -30.98 -9.77 -16.32
C PRO A 86 -29.48 -9.63 -16.21
N ALA A 87 -28.77 -9.90 -17.31
CA ALA A 87 -27.32 -9.92 -17.28
C ALA A 87 -26.73 -8.61 -16.78
N ASP A 88 -27.26 -7.48 -17.24
CA ASP A 88 -26.72 -6.20 -16.79
C ASP A 88 -26.85 -6.05 -15.28
N LEU A 89 -27.99 -6.47 -14.72
CA LEU A 89 -28.23 -6.33 -13.30
C LEU A 89 -27.35 -7.29 -12.50
N LEU A 90 -27.22 -8.51 -13.00
CA LEU A 90 -26.34 -9.49 -12.37
C LEU A 90 -24.92 -8.92 -12.23
N LYS A 91 -24.39 -8.36 -13.32
CA LYS A 91 -23.04 -7.82 -13.29
C LYS A 91 -22.94 -6.60 -12.37
N LEU A 92 -23.86 -5.65 -12.48
CA LEU A 92 -23.82 -4.51 -11.57
C LEU A 92 -23.81 -4.95 -10.12
N SER A 93 -24.67 -5.91 -9.78
CA SER A 93 -24.81 -6.34 -8.39
C SER A 93 -23.55 -7.00 -7.84
N LEU A 94 -22.98 -7.94 -8.60
CA LEU A 94 -21.78 -8.62 -8.12
C LEU A 94 -20.54 -7.71 -8.17
N LYS A 95 -20.45 -6.81 -9.15
CA LYS A 95 -19.35 -5.85 -9.15
C LYS A 95 -19.40 -4.96 -7.92
N ARG A 96 -20.58 -4.38 -7.60
CA ARG A 96 -20.68 -3.54 -6.41
C ARG A 96 -20.41 -4.36 -5.16
N ARG A 97 -20.80 -5.64 -5.17
CA ARG A 97 -20.47 -6.49 -4.02
C ARG A 97 -18.96 -6.57 -3.83
N SER A 98 -18.24 -6.91 -4.89
CA SER A 98 -16.78 -7.02 -4.84
C SER A 98 -16.15 -5.70 -4.39
N ASP A 99 -16.59 -4.59 -4.99
CA ASP A 99 -16.02 -3.29 -4.67
C ASP A 99 -16.23 -2.94 -3.22
N ARG A 100 -17.40 -3.25 -2.66
CA ARG A 100 -17.64 -2.93 -1.25
C ARG A 100 -16.90 -3.88 -0.33
N GLN A 101 -16.72 -5.13 -0.76
CA GLN A 101 -15.87 -6.05 -0.01
C GLN A 101 -14.43 -5.51 0.04
N GLN A 102 -13.93 -5.01 -1.08
CA GLN A 102 -12.58 -4.46 -1.06
C GLN A 102 -12.54 -3.22 -0.16
N PHE A 103 -13.59 -2.39 -0.21
CA PHE A 103 -13.65 -1.21 0.64
C PHE A 103 -13.54 -1.57 2.10
N LEU A 104 -14.19 -2.66 2.51
CA LEU A 104 -14.10 -3.12 3.88
C LEU A 104 -12.79 -3.83 4.18
N GLY A 105 -12.01 -4.16 3.18
CA GLY A 105 -10.80 -4.94 3.37
C GLY A 105 -11.01 -6.44 3.34
N HIS A 106 -12.14 -6.91 2.82
CA HIS A 106 -12.38 -8.35 2.69
C HIS A 106 -11.89 -8.76 1.30
N MET A 107 -10.57 -8.97 1.20
CA MET A 107 -9.96 -9.23 -0.10
C MET A 107 -10.19 -10.65 -0.58
N ARG A 108 -10.21 -11.64 0.32
CA ARG A 108 -10.48 -13.00 -0.11
C ARG A 108 -11.90 -13.17 -0.65
N GLY A 109 -12.89 -12.58 0.02
CA GLY A 109 -14.26 -12.70 -0.45
C GLY A 109 -14.50 -11.91 -1.72
N SER A 110 -13.88 -10.73 -1.81
CA SER A 110 -13.89 -10.00 -3.07
C SER A 110 -13.30 -10.84 -4.20
N LEU A 111 -12.17 -11.52 -3.92
CA LEU A 111 -11.60 -12.40 -4.94
C LEU A 111 -12.63 -13.40 -5.41
N LEU A 112 -13.33 -14.04 -4.47
CA LEU A 112 -14.33 -15.03 -4.84
C LEU A 112 -15.41 -14.44 -5.74
N THR A 113 -15.93 -13.26 -5.37
CA THR A 113 -16.94 -12.60 -6.21
C THR A 113 -16.40 -12.36 -7.62
N LEU A 114 -15.13 -11.98 -7.73
CA LEU A 114 -14.55 -11.68 -9.04
C LEU A 114 -14.37 -12.92 -9.89
N GLN A 115 -13.92 -14.02 -9.29
CA GLN A 115 -13.86 -15.28 -10.02
C GLN A 115 -15.25 -15.64 -10.55
N ARG A 116 -16.28 -15.47 -9.72
CA ARG A 116 -17.60 -15.77 -10.21
C ARG A 116 -17.98 -14.86 -11.39
N LEU A 117 -17.75 -13.55 -11.25
CA LEU A 117 -18.03 -12.63 -12.34
C LEU A 117 -17.37 -13.06 -13.64
N VAL A 118 -16.11 -13.50 -13.58
CA VAL A 118 -15.41 -13.87 -14.82
C VAL A 118 -16.00 -15.16 -15.37
N GLN A 119 -16.44 -16.08 -14.50
CA GLN A 119 -17.09 -17.27 -15.03
C GLN A 119 -18.41 -16.92 -15.72
N LEU A 120 -19.16 -15.99 -15.15
CA LEU A 120 -20.48 -15.69 -15.68
C LEU A 120 -20.40 -14.90 -16.97
N PHE A 121 -19.34 -14.09 -17.14
CA PHE A 121 -19.18 -13.21 -18.28
C PHE A 121 -17.79 -13.41 -18.87
N PRO A 122 -17.56 -14.53 -19.57
CA PRO A 122 -16.20 -14.87 -20.03
C PRO A 122 -15.61 -13.94 -21.10
N ASN A 123 -16.41 -13.05 -21.70
CA ASN A 123 -15.93 -12.17 -22.76
C ASN A 123 -15.71 -10.73 -22.30
N ASP A 124 -15.95 -10.43 -21.02
CA ASP A 124 -15.77 -9.09 -20.47
C ASP A 124 -14.32 -8.96 -20.02
N THR A 125 -13.52 -8.23 -20.82
CA THR A 125 -12.12 -8.03 -20.51
C THR A 125 -11.95 -7.22 -19.22
N SER A 126 -12.83 -6.25 -18.97
CA SER A 126 -12.69 -5.41 -17.79
C SER A 126 -12.84 -6.22 -16.53
N LEU A 127 -13.69 -7.25 -16.57
CA LEU A 127 -13.84 -8.10 -15.38
C LEU A 127 -12.59 -8.91 -15.15
N LYS A 128 -11.90 -9.32 -16.21
CA LYS A 128 -10.65 -10.01 -16.02
C LYS A 128 -9.62 -9.09 -15.41
N ASN A 129 -9.55 -7.84 -15.87
CA ASN A 129 -8.68 -6.87 -15.20
C ASN A 129 -9.03 -6.74 -13.73
N ASP A 130 -10.33 -6.66 -13.39
CA ASP A 130 -10.71 -6.53 -11.98
C ASP A 130 -10.31 -7.79 -11.20
N LEU A 131 -10.39 -8.95 -11.83
CA LEU A 131 -9.94 -10.18 -11.19
C LEU A 131 -8.44 -10.14 -10.93
N GLY A 132 -7.66 -9.65 -11.89
CA GLY A 132 -6.25 -9.48 -11.66
C GLY A 132 -5.96 -8.64 -10.43
N VAL A 133 -6.72 -7.56 -10.25
CA VAL A 133 -6.52 -6.72 -9.07
C VAL A 133 -6.87 -7.49 -7.81
N GLY A 134 -7.96 -8.26 -7.86
CA GLY A 134 -8.28 -9.12 -6.73
C GLY A 134 -7.12 -10.01 -6.34
N TYR A 135 -6.42 -10.57 -7.33
CA TYR A 135 -5.28 -11.42 -7.00
C TYR A 135 -4.15 -10.59 -6.40
N LEU A 136 -3.89 -9.42 -6.96
CA LEU A 136 -2.83 -8.57 -6.43
C LEU A 136 -3.08 -8.22 -4.96
N LEU A 137 -4.34 -7.95 -4.61
CA LEU A 137 -4.64 -7.44 -3.29
C LEU A 137 -4.46 -8.48 -2.20
N ILE A 138 -4.51 -9.78 -2.53
CA ILE A 138 -4.19 -10.81 -1.55
C ILE A 138 -2.76 -11.28 -1.65
N GLY A 139 -1.94 -10.66 -2.48
CA GLY A 139 -0.57 -11.06 -2.60
C GLY A 139 -0.30 -12.21 -3.55
N ASP A 140 -1.27 -12.58 -4.39
CA ASP A 140 -1.08 -13.68 -5.36
C ASP A 140 -0.62 -13.09 -6.69
N ASN A 141 0.67 -12.80 -6.77
CA ASN A 141 1.19 -12.20 -7.98
C ASN A 141 1.24 -13.19 -9.14
N ASP A 142 1.43 -14.49 -8.86
CA ASP A 142 1.49 -15.49 -9.92
C ASP A 142 0.17 -15.57 -10.69
N ASN A 143 -0.97 -15.63 -9.98
CA ASN A 143 -2.25 -15.67 -10.67
C ASN A 143 -2.60 -14.34 -11.31
N ALA A 144 -2.22 -13.23 -10.69
CA ALA A 144 -2.50 -11.94 -11.31
C ALA A 144 -1.79 -11.88 -12.65
N LYS A 145 -0.56 -12.39 -12.69
CA LYS A 145 0.20 -12.40 -13.93
C LYS A 145 -0.49 -13.21 -15.00
N LYS A 146 -0.94 -14.42 -14.65
CA LYS A 146 -1.67 -15.22 -15.65
C LYS A 146 -2.91 -14.47 -16.17
N VAL A 147 -3.65 -13.81 -15.28
CA VAL A 147 -4.86 -13.11 -15.71
C VAL A 147 -4.51 -12.05 -16.75
N TYR A 148 -3.49 -11.24 -16.45
CA TYR A 148 -3.15 -10.16 -17.38
C TYR A 148 -2.51 -10.70 -18.67
N GLU A 149 -1.83 -11.83 -18.60
CA GLU A 149 -1.37 -12.43 -19.85
C GLU A 149 -2.55 -12.87 -20.72
N GLU A 150 -3.58 -13.42 -20.10
CA GLU A 150 -4.77 -13.77 -20.86
C GLU A 150 -5.40 -12.53 -21.51
N VAL A 151 -5.58 -11.48 -20.70
CA VAL A 151 -6.15 -10.25 -21.21
C VAL A 151 -5.35 -9.75 -22.42
N LEU A 152 -4.03 -9.67 -22.26
CA LEU A 152 -3.16 -9.15 -23.32
C LEU A 152 -3.21 -10.03 -24.57
N SER A 153 -3.40 -11.34 -24.42
CA SER A 153 -3.44 -12.20 -25.60
C SER A 153 -4.73 -12.01 -26.37
N VAL A 154 -5.80 -11.66 -25.71
CA VAL A 154 -7.00 -11.31 -26.44
C VAL A 154 -7.10 -9.82 -26.79
N THR A 155 -6.46 -8.96 -25.99
N THR A 155 -6.47 -8.95 -25.99
CA THR A 155 -6.51 -7.51 -26.17
CA THR A 155 -6.53 -7.51 -26.20
C THR A 155 -5.13 -6.93 -25.94
C THR A 155 -5.14 -6.92 -25.95
N PRO A 156 -4.24 -7.04 -26.94
CA PRO A 156 -2.83 -6.63 -26.70
C PRO A 156 -2.66 -5.17 -26.33
N ASN A 157 -3.62 -4.32 -26.66
CA ASN A 157 -3.45 -2.89 -26.47
C ASN A 157 -4.12 -2.39 -25.20
N ASP A 158 -4.65 -3.29 -24.36
CA ASP A 158 -5.34 -2.89 -23.14
C ASP A 158 -4.32 -2.25 -22.21
N GLY A 159 -4.46 -0.94 -21.98
CA GLY A 159 -3.49 -0.23 -21.17
C GLY A 159 -3.52 -0.61 -19.71
N PHE A 160 -4.70 -0.93 -19.20
CA PHE A 160 -4.80 -1.31 -17.79
C PHE A 160 -4.05 -2.62 -17.55
N ALA A 161 -4.26 -3.59 -18.45
CA ALA A 161 -3.53 -4.84 -18.35
C ALA A 161 -2.04 -4.59 -18.54
N LYS A 162 -1.69 -3.65 -19.42
CA LYS A 162 -0.26 -3.36 -19.64
C LYS A 162 0.41 -2.84 -18.37
N VAL A 163 -0.13 -1.78 -17.75
CA VAL A 163 0.54 -1.27 -16.56
C VAL A 163 0.59 -2.33 -15.49
N HIS A 164 -0.47 -3.12 -15.34
CA HIS A 164 -0.43 -4.08 -14.24
C HIS A 164 0.51 -5.23 -14.52
N TYR A 165 0.61 -5.67 -15.78
CA TYR A 165 1.63 -6.64 -16.13
C TYR A 165 3.00 -6.09 -15.89
N GLY A 166 3.23 -4.84 -16.30
CA GLY A 166 4.52 -4.22 -16.08
C GLY A 166 4.87 -4.13 -14.61
N PHE A 167 3.89 -3.78 -13.76
CA PHE A 167 4.11 -3.73 -12.32
C PHE A 167 4.52 -5.09 -11.79
N ILE A 168 3.85 -6.15 -12.26
CA ILE A 168 4.19 -7.50 -11.78
C ILE A 168 5.61 -7.86 -12.21
N LEU A 169 5.92 -7.60 -13.48
CA LEU A 169 7.24 -7.90 -14.00
C LEU A 169 8.31 -7.19 -13.17
N LYS A 170 8.11 -5.90 -12.91
CA LYS A 170 9.12 -5.17 -12.15
C LYS A 170 9.24 -5.74 -10.74
N ALA A 171 8.12 -6.10 -10.10
CA ALA A 171 8.26 -6.66 -8.76
C ALA A 171 8.99 -7.99 -8.78
N GLN A 172 9.00 -8.66 -9.92
CA GLN A 172 9.76 -9.90 -10.11
C GLN A 172 11.22 -9.64 -10.50
N ASN A 173 11.65 -8.38 -10.49
CA ASN A 173 12.99 -7.98 -10.89
C ASN A 173 13.23 -8.15 -12.39
N LYS A 174 12.17 -8.25 -13.17
CA LYS A 174 12.31 -8.25 -14.63
C LYS A 174 12.23 -6.80 -15.12
N ILE A 175 13.32 -6.08 -14.84
CA ILE A 175 13.31 -4.62 -14.90
C ILE A 175 13.16 -4.15 -16.33
N ALA A 176 14.11 -4.55 -17.19
CA ALA A 176 14.05 -4.16 -18.59
C ALA A 176 12.72 -4.57 -19.21
N GLU A 177 12.26 -5.78 -18.91
CA GLU A 177 11.04 -6.26 -19.57
C GLU A 177 9.85 -5.43 -19.13
N SER A 178 9.85 -5.01 -17.88
CA SER A 178 8.74 -4.24 -17.34
C SER A 178 8.62 -2.88 -18.01
N ILE A 179 9.73 -2.31 -18.43
CA ILE A 179 9.66 -0.90 -18.87
C ILE A 179 8.66 -0.69 -20.00
N PRO A 180 8.71 -1.42 -21.12
CA PRO A 180 7.75 -1.14 -22.21
C PRO A 180 6.30 -1.26 -21.77
N TYR A 181 5.98 -2.17 -20.84
CA TYR A 181 4.60 -2.36 -20.42
C TYR A 181 4.12 -1.18 -19.59
N LEU A 182 4.93 -0.76 -18.60
CA LEU A 182 4.58 0.38 -17.77
C LEU A 182 4.45 1.64 -18.61
N LYS A 183 5.42 1.87 -19.51
CA LYS A 183 5.42 3.07 -20.34
C LYS A 183 4.21 3.09 -21.29
N GLU A 184 3.99 2.01 -22.05
CA GLU A 184 2.89 2.00 -23.01
C GLU A 184 1.54 2.07 -22.30
N GLY A 185 1.43 1.48 -21.11
CA GLY A 185 0.15 1.50 -20.42
C GLY A 185 -0.16 2.88 -19.86
N ILE A 186 0.87 3.59 -19.37
CA ILE A 186 0.62 4.96 -18.94
C ILE A 186 0.29 5.84 -20.14
N GLU A 187 1.02 5.68 -21.24
CA GLU A 187 0.76 6.47 -22.44
C GLU A 187 -0.59 6.16 -23.05
N SER A 188 -1.15 4.97 -22.77
CA SER A 188 -2.45 4.61 -23.30
C SER A 188 -3.52 5.60 -22.86
N GLY A 189 -3.38 6.16 -21.65
CA GLY A 189 -4.40 6.99 -21.06
C GLY A 189 -5.66 6.25 -20.68
N ASP A 190 -5.65 4.92 -20.69
CA ASP A 190 -6.85 4.17 -20.37
C ASP A 190 -7.23 4.42 -18.92
N PRO A 191 -8.51 4.27 -18.57
CA PRO A 191 -8.90 4.41 -17.17
C PRO A 191 -8.09 3.45 -16.30
N GLY A 192 -7.57 3.97 -15.19
CA GLY A 192 -6.81 3.20 -14.23
C GLY A 192 -5.31 3.26 -14.43
N THR A 193 -4.85 3.85 -15.54
CA THR A 193 -3.42 3.91 -15.83
C THR A 193 -2.75 5.13 -15.24
N ASP A 194 -3.52 6.16 -14.86
CA ASP A 194 -2.96 7.38 -14.29
C ASP A 194 -2.89 7.11 -12.79
N ASP A 195 -1.83 6.41 -12.40
CA ASP A 195 -1.67 5.91 -11.04
C ASP A 195 -0.23 6.07 -10.61
N GLY A 196 -0.05 6.67 -9.44
CA GLY A 196 1.29 6.97 -8.99
C GLY A 196 2.18 5.75 -8.97
N ARG A 197 1.62 4.58 -8.70
CA ARG A 197 2.44 3.37 -8.61
C ARG A 197 3.20 3.15 -9.90
N PHE A 198 2.54 3.37 -11.04
CA PHE A 198 3.16 3.07 -12.31
C PHE A 198 4.21 4.10 -12.68
N TYR A 199 3.97 5.38 -12.36
CA TYR A 199 5.00 6.38 -12.54
C TYR A 199 6.23 6.09 -11.66
N PHE A 200 5.99 5.77 -10.39
CA PHE A 200 7.04 5.42 -9.45
C PHE A 200 7.89 4.29 -9.97
N HIS A 201 7.26 3.19 -10.39
CA HIS A 201 8.03 2.02 -10.76
C HIS A 201 8.62 2.10 -12.17
N LEU A 202 7.98 2.82 -13.10
CA LEU A 202 8.62 3.02 -14.39
C LEU A 202 9.88 3.84 -14.23
N GLY A 203 9.79 4.93 -13.47
CA GLY A 203 11.00 5.73 -13.22
C GLY A 203 12.10 4.93 -12.53
N ASP A 204 11.72 4.14 -11.51
CA ASP A 204 12.73 3.33 -10.84
C ASP A 204 13.39 2.35 -11.80
N ALA A 205 12.60 1.62 -12.60
CA ALA A 205 13.20 0.66 -13.50
C ALA A 205 14.15 1.36 -14.47
N MET A 206 13.74 2.50 -14.97
CA MET A 206 14.63 3.26 -15.85
C MET A 206 15.94 3.56 -15.12
N GLN A 207 15.86 4.12 -13.90
CA GLN A 207 17.07 4.43 -13.17
C GLN A 207 17.97 3.21 -13.04
N ARG A 208 17.38 2.05 -12.76
CA ARG A 208 18.19 0.86 -12.53
C ARG A 208 18.91 0.38 -13.78
N VAL A 209 18.33 0.61 -14.98
CA VAL A 209 19.00 0.17 -16.20
C VAL A 209 19.83 1.28 -16.84
N GLY A 210 19.94 2.43 -16.18
CA GLY A 210 20.72 3.54 -16.71
C GLY A 210 20.00 4.43 -17.67
N ASN A 211 18.70 4.26 -17.84
CA ASN A 211 17.94 5.08 -18.80
C ASN A 211 17.78 6.49 -18.24
N LYS A 212 18.30 7.49 -18.95
CA LYS A 212 18.32 8.84 -18.42
C LYS A 212 16.97 9.53 -18.47
N GLU A 213 15.94 8.84 -18.97
CA GLU A 213 14.61 9.40 -19.15
C GLU A 213 13.75 9.26 -17.90
N ALA A 214 14.27 8.65 -16.84
CA ALA A 214 13.46 8.33 -15.67
C ALA A 214 12.88 9.58 -15.02
N TYR A 215 13.63 10.67 -15.03
CA TYR A 215 13.15 11.85 -14.36
C TYR A 215 12.12 12.60 -15.18
N LYS A 216 12.02 12.34 -16.48
CA LYS A 216 10.88 12.86 -17.22
C LYS A 216 9.57 12.26 -16.69
N TRP A 217 9.59 10.96 -16.39
CA TRP A 217 8.40 10.33 -15.83
C TRP A 217 8.15 10.79 -14.40
N TYR A 218 9.21 10.99 -13.62
CA TYR A 218 9.02 11.59 -12.30
C TYR A 218 8.39 12.98 -12.40
N GLU A 219 8.83 13.79 -13.36
CA GLU A 219 8.27 15.13 -13.49
C GLU A 219 6.83 15.09 -13.98
N LEU A 220 6.48 14.11 -14.84
CA LEU A 220 5.11 13.98 -15.29
C LEU A 220 4.21 13.53 -14.14
N GLY A 221 4.66 12.56 -13.36
CA GLY A 221 3.93 12.15 -12.18
C GLY A 221 3.71 13.29 -11.18
N HIS A 222 4.74 14.09 -10.94
CA HIS A 222 4.57 15.28 -10.12
C HIS A 222 3.56 16.25 -10.74
N LYS A 223 3.61 16.46 -12.07
CA LYS A 223 2.66 17.34 -12.73
C LYS A 223 1.23 16.83 -12.58
N ARG A 224 1.04 15.51 -12.50
CA ARG A 224 -0.28 14.91 -12.40
C ARG A 224 -0.66 14.53 -10.97
N GLY A 225 0.07 15.07 -9.98
CA GLY A 225 -0.39 15.03 -8.60
C GLY A 225 -0.10 13.76 -7.83
N HIS A 226 0.69 12.85 -8.37
CA HIS A 226 1.00 11.63 -7.62
C HIS A 226 2.15 11.81 -6.65
N PHE A 227 3.04 12.75 -6.94
CA PHE A 227 4.26 12.92 -6.14
C PHE A 227 4.28 14.35 -5.62
N ALA A 228 4.56 14.51 -4.33
CA ALA A 228 4.73 15.85 -3.79
C ALA A 228 5.77 16.63 -4.58
N SER A 229 6.80 15.94 -5.08
CA SER A 229 7.82 16.57 -5.90
C SER A 229 8.57 15.48 -6.64
N VAL A 230 9.48 15.90 -7.51
CA VAL A 230 10.32 14.98 -8.26
C VAL A 230 11.12 14.08 -7.32
N TRP A 231 11.70 14.66 -6.26
CA TRP A 231 12.59 13.91 -5.38
C TRP A 231 11.85 13.16 -4.28
N GLN A 232 10.66 13.59 -3.89
CA GLN A 232 9.93 12.96 -2.78
C GLN A 232 8.73 12.24 -3.36
N ARG A 233 8.85 10.91 -3.51
CA ARG A 233 7.90 10.18 -4.35
C ARG A 233 7.08 9.16 -3.56
N SER A 234 6.88 9.40 -2.28
CA SER A 234 6.05 8.55 -1.45
C SER A 234 4.58 8.66 -1.87
N LEU A 235 3.82 7.61 -1.58
CA LEU A 235 2.45 7.50 -2.07
C LEU A 235 1.40 7.42 -0.99
N TYR A 236 1.79 7.28 0.28
CA TYR A 236 0.85 7.18 1.38
C TYR A 236 1.14 8.37 2.27
N ASN A 237 0.49 9.52 2.03
CA ASN A 237 1.01 10.67 2.74
C ASN A 237 -0.05 11.65 3.17
N VAL A 238 0.34 12.50 4.10
CA VAL A 238 -0.49 13.59 4.60
C VAL A 238 0.10 14.86 4.00
N ASN A 239 -0.69 15.53 3.13
CA ASN A 239 -0.19 16.69 2.42
C ASN A 239 -0.04 17.87 3.36
N GLY A 240 1.02 18.65 3.18
CA GLY A 240 1.30 19.78 4.02
C GLY A 240 2.39 19.59 5.06
N LEU A 241 2.82 18.35 5.32
CA LEU A 241 3.92 18.12 6.25
C LEU A 241 5.20 18.69 5.66
N LYS A 242 5.92 19.48 6.45
CA LYS A 242 7.22 19.99 6.07
C LYS A 242 8.04 18.91 5.39
N ALA A 243 8.54 19.22 4.19
CA ALA A 243 9.27 18.28 3.36
C ALA A 243 10.70 18.77 3.16
N GLN A 244 11.67 18.05 3.72
CA GLN A 244 13.07 18.35 3.48
C GLN A 244 13.87 17.09 3.72
N PRO A 245 14.97 16.90 2.97
CA PRO A 245 15.66 15.60 3.05
C PRO A 245 16.35 15.33 4.38
N TRP A 246 16.95 16.34 5.00
CA TRP A 246 17.74 16.18 6.21
C TRP A 246 17.22 17.08 7.32
N TRP A 247 17.14 16.52 8.53
CA TRP A 247 16.64 17.24 9.69
C TRP A 247 17.66 17.29 10.82
N THR A 248 17.66 18.38 11.54
CA THR A 248 18.41 18.41 12.77
C THR A 248 17.55 17.90 13.91
N PRO A 249 18.20 17.43 14.99
CA PRO A 249 17.43 17.06 16.20
C PRO A 249 16.43 18.11 16.62
N LYS A 250 16.85 19.37 16.71
CA LYS A 250 15.94 20.41 17.16
C LYS A 250 14.81 20.63 16.15
N GLU A 251 15.09 20.53 14.85
CA GLU A 251 14.03 20.65 13.86
C GLU A 251 12.94 19.61 14.12
N THR A 252 13.32 18.40 14.55
CA THR A 252 12.32 17.38 14.78
C THR A 252 11.54 17.61 16.07
N GLY A 253 12.17 18.26 17.06
CA GLY A 253 11.62 18.36 18.40
C GLY A 253 11.75 17.09 19.24
N TYR A 254 12.43 16.08 18.74
CA TYR A 254 12.62 14.83 19.48
C TYR A 254 14.00 14.81 20.14
N THR A 255 14.33 15.90 20.83
CA THR A 255 15.69 16.07 21.34
C THR A 255 16.02 15.09 22.46
N GLU A 256 15.04 14.74 23.28
CA GLU A 256 15.27 13.77 24.33
C GLU A 256 15.54 12.39 23.75
N LEU A 257 14.82 11.99 22.68
CA LEU A 257 15.09 10.72 22.04
C LEU A 257 16.52 10.67 21.50
N VAL A 258 16.93 11.72 20.82
CA VAL A 258 18.27 11.78 20.24
C VAL A 258 19.32 11.70 21.34
N LYS A 259 19.15 12.46 22.42
CA LYS A 259 20.08 12.42 23.53
C LYS A 259 20.15 11.02 24.10
N SER A 260 19.02 10.34 24.20
CA SER A 260 19.06 9.02 24.79
C SER A 260 19.78 8.05 23.88
N LEU A 261 19.55 8.11 22.57
CA LEU A 261 20.26 7.24 21.65
C LEU A 261 21.77 7.50 21.69
N GLU A 262 22.17 8.76 21.63
CA GLU A 262 23.60 9.10 21.62
C GLU A 262 24.30 8.78 22.95
N ARG A 263 23.70 9.15 24.09
CA ARG A 263 24.38 8.94 25.37
C ARG A 263 24.56 7.47 25.68
N ASN A 264 23.63 6.61 25.24
CA ASN A 264 23.66 5.17 25.50
C ASN A 264 24.07 4.36 24.28
N TRP A 265 24.85 4.95 23.38
CA TRP A 265 24.98 4.27 22.09
C TRP A 265 25.74 2.97 22.23
N LYS A 266 26.68 2.88 23.21
CA LYS A 266 27.52 1.70 23.34
C LYS A 266 26.71 0.47 23.77
N LEU A 267 25.72 0.63 24.64
N LEU A 267 25.73 0.65 24.66
CA LEU A 267 24.93 -0.54 25.02
CA LEU A 267 24.90 -0.50 25.03
C LEU A 267 24.04 -0.99 23.85
C LEU A 267 24.07 -0.99 23.85
N ILE A 268 23.53 -0.06 23.07
CA ILE A 268 22.78 -0.39 21.86
C ILE A 268 23.68 -1.17 20.92
N ARG A 269 24.87 -0.65 20.65
CA ARG A 269 25.87 -1.38 19.86
C ARG A 269 26.09 -2.77 20.39
N ASP A 270 26.33 -2.88 21.70
CA ASP A 270 26.85 -4.13 22.24
C ASP A 270 25.78 -5.21 22.21
N GLU A 271 24.49 -4.81 22.43
CA GLU A 271 23.41 -5.78 22.26
C GLU A 271 23.29 -6.22 20.80
N GLY A 272 23.51 -5.30 19.85
CA GLY A 272 23.45 -5.71 18.46
C GLY A 272 24.57 -6.66 18.10
N LEU A 273 25.75 -6.42 18.63
CA LEU A 273 26.92 -7.25 18.39
C LEU A 273 26.76 -8.61 19.03
N ALA A 274 26.13 -8.67 20.21
CA ALA A 274 25.87 -9.97 20.80
C ALA A 274 24.89 -10.77 19.95
N VAL A 275 23.89 -10.11 19.37
CA VAL A 275 22.97 -10.85 18.48
C VAL A 275 23.71 -11.34 17.24
N MET A 276 24.55 -10.50 16.65
CA MET A 276 25.40 -10.96 15.55
C MET A 276 26.23 -12.18 15.94
N ASP A 277 26.81 -12.22 17.15
CA ASP A 277 27.74 -13.29 17.49
C ASP A 277 27.01 -14.57 17.84
N LYS A 278 25.87 -14.46 18.52
CA LYS A 278 25.25 -15.61 19.16
C LYS A 278 23.84 -15.89 18.68
N ALA A 279 23.24 -14.98 17.91
CA ALA A 279 21.89 -15.20 17.41
C ALA A 279 21.75 -14.51 16.05
N LYS A 280 22.55 -14.96 15.07
CA LYS A 280 22.66 -14.23 13.82
C LYS A 280 21.41 -14.37 12.98
N GLY A 281 20.68 -15.47 13.15
CA GLY A 281 19.42 -15.67 12.44
C GLY A 281 18.35 -14.67 12.75
N LEU A 282 18.49 -13.88 13.81
CA LEU A 282 17.56 -12.79 14.05
C LEU A 282 17.75 -11.65 13.05
N PHE A 283 18.91 -11.58 12.40
CA PHE A 283 19.12 -10.64 11.30
C PHE A 283 18.58 -11.27 10.04
N LEU A 284 17.67 -10.60 9.35
CA LEU A 284 17.05 -11.15 8.13
C LEU A 284 17.46 -10.32 6.93
N PRO A 285 17.78 -10.97 5.81
CA PRO A 285 18.14 -10.20 4.60
C PRO A 285 17.04 -9.24 4.15
N GLU A 286 17.47 -8.06 3.67
CA GLU A 286 16.54 -7.15 3.05
C GLU A 286 15.85 -7.88 1.90
N ASP A 287 14.52 -7.74 1.80
CA ASP A 287 13.71 -8.59 0.92
C ASP A 287 12.75 -7.75 0.09
N GLU A 288 13.21 -6.56 -0.33
CA GLU A 288 12.38 -5.61 -1.04
C GLU A 288 12.99 -5.24 -2.37
N ASN A 289 13.99 -6.01 -2.84
CA ASN A 289 14.68 -5.82 -4.11
C ASN A 289 15.40 -4.49 -4.17
N LEU A 290 15.92 -4.03 -3.05
CA LEU A 290 16.53 -2.71 -3.04
C LEU A 290 18.03 -2.73 -3.27
N ARG A 291 18.64 -3.90 -3.43
CA ARG A 291 20.09 -3.98 -3.61
C ARG A 291 20.47 -4.21 -5.06
N GLU A 292 21.46 -3.44 -5.53
CA GLU A 292 22.09 -3.84 -6.77
C GLU A 292 23.03 -5.03 -6.55
N LYS A 293 23.70 -5.05 -5.39
CA LYS A 293 24.66 -6.09 -5.01
C LYS A 293 24.97 -5.95 -3.51
N GLY A 294 25.56 -7.00 -2.96
CA GLY A 294 26.06 -6.95 -1.60
C GLY A 294 25.17 -7.65 -0.61
N ASP A 295 25.50 -7.46 0.66
CA ASP A 295 24.85 -8.17 1.77
C ASP A 295 24.33 -7.12 2.73
N TRP A 296 23.05 -7.19 3.04
CA TRP A 296 22.41 -6.20 3.89
C TRP A 296 21.31 -6.94 4.64
N SER A 297 21.30 -6.78 5.97
CA SER A 297 20.35 -7.52 6.80
C SER A 297 19.92 -6.62 7.95
N GLN A 298 18.76 -6.93 8.52
CA GLN A 298 18.17 -6.05 9.52
C GLN A 298 17.58 -6.91 10.63
N PHE A 299 17.71 -6.42 11.86
CA PHE A 299 17.24 -7.10 13.07
C PHE A 299 16.19 -6.19 13.69
N THR A 300 14.91 -6.52 13.51
CA THR A 300 13.82 -5.59 13.81
C THR A 300 13.23 -5.81 15.20
N LEU A 301 13.15 -4.72 15.97
CA LEU A 301 12.61 -4.70 17.31
C LEU A 301 11.16 -4.24 17.35
N TRP A 302 10.80 -3.28 16.49
CA TRP A 302 9.43 -2.79 16.37
C TRP A 302 9.10 -2.67 14.88
N GLN A 303 7.90 -3.02 14.52
CA GLN A 303 7.37 -2.72 13.19
C GLN A 303 5.90 -2.40 13.37
N GLN A 304 5.40 -1.45 12.58
CA GLN A 304 4.02 -0.99 12.67
C GLN A 304 3.58 -0.73 14.11
N GLY A 305 4.47 -0.16 14.92
CA GLY A 305 4.10 0.19 16.27
C GLY A 305 3.89 -0.98 17.20
N ARG A 306 4.35 -2.16 16.80
CA ARG A 306 4.19 -3.40 17.56
C ARG A 306 5.58 -3.92 17.91
N ARG A 307 5.81 -4.09 19.20
CA ARG A 307 7.05 -4.67 19.70
C ARG A 307 7.13 -6.15 19.36
N ASN A 308 8.28 -6.58 18.80
CA ASN A 308 8.58 -8.00 18.59
C ASN A 308 9.19 -8.53 19.88
N GLU A 309 8.40 -9.25 20.69
CA GLU A 309 8.88 -9.67 22.01
C GLU A 309 10.09 -10.59 21.90
N ASN A 310 10.06 -11.55 20.96
CA ASN A 310 11.17 -12.47 20.83
C ASN A 310 12.42 -11.71 20.48
N ALA A 311 12.30 -10.78 19.52
CA ALA A 311 13.42 -9.94 19.12
C ALA A 311 13.97 -9.15 20.31
N CYS A 312 13.10 -8.60 21.16
CA CYS A 312 13.57 -7.80 22.26
C CYS A 312 14.24 -8.63 23.34
N LYS A 313 14.05 -9.95 23.34
CA LYS A 313 14.86 -10.80 24.21
C LYS A 313 16.35 -10.67 23.92
N GLY A 314 16.71 -10.35 22.69
CA GLY A 314 18.10 -10.26 22.31
C GLY A 314 18.69 -8.88 22.50
N ALA A 315 17.84 -7.86 22.66
CA ALA A 315 18.31 -6.50 22.91
C ALA A 315 17.48 -5.89 24.03
N PRO A 316 17.52 -6.50 25.22
CA PRO A 316 16.50 -6.16 26.22
C PRO A 316 16.67 -4.77 26.79
N LYS A 317 17.91 -4.31 26.98
CA LYS A 317 18.09 -3.00 27.57
C LYS A 317 17.74 -1.93 26.56
N THR A 318 18.12 -2.13 25.29
CA THR A 318 17.72 -1.24 24.20
C THR A 318 16.19 -1.12 24.11
N CYS A 319 15.49 -2.26 24.19
CA CYS A 319 14.03 -2.17 24.11
C CYS A 319 13.46 -1.42 25.30
N THR A 320 13.99 -1.68 26.50
CA THR A 320 13.56 -0.96 27.69
C THR A 320 13.81 0.55 27.54
N LEU A 321 14.98 0.91 27.04
CA LEU A 321 15.30 2.32 26.82
C LEU A 321 14.29 2.97 25.86
N LEU A 322 13.94 2.28 24.78
CA LEU A 322 13.09 2.88 23.77
C LEU A 322 11.64 2.98 24.22
N GLU A 323 11.20 2.11 25.14
CA GLU A 323 9.82 2.15 25.62
C GLU A 323 9.43 3.55 26.10
N LYS A 324 10.41 4.36 26.53
CA LYS A 324 10.11 5.68 27.07
C LYS A 324 9.72 6.67 25.99
N PHE A 325 9.85 6.32 24.70
CA PHE A 325 9.62 7.25 23.61
C PHE A 325 8.51 6.75 22.68
N PRO A 326 7.26 7.04 23.02
CA PRO A 326 6.17 6.60 22.15
C PRO A 326 6.25 7.19 20.76
N GLU A 327 6.99 8.28 20.58
CA GLU A 327 7.04 8.87 19.24
C GLU A 327 7.71 7.91 18.24
N THR A 328 8.52 6.94 18.72
CA THR A 328 8.98 5.87 17.86
C THR A 328 8.27 4.54 18.11
N THR A 329 8.07 4.15 19.36
CA THR A 329 7.52 2.81 19.60
C THR A 329 6.07 2.69 19.13
N GLY A 330 5.35 3.81 19.00
CA GLY A 330 4.02 3.87 18.49
C GLY A 330 3.91 4.40 17.07
N CYS A 331 5.04 4.66 16.40
CA CYS A 331 5.03 4.99 14.99
C CYS A 331 4.62 3.78 14.15
N ARG A 332 3.33 3.66 13.88
CA ARG A 332 2.75 2.59 13.06
C ARG A 332 3.12 2.71 11.59
N ARG A 333 3.89 3.71 11.18
CA ARG A 333 4.41 3.80 9.82
C ARG A 333 5.93 3.84 9.77
N GLY A 334 6.60 3.16 10.70
CA GLY A 334 8.04 3.08 10.74
C GLY A 334 8.49 1.81 11.45
N GLN A 335 9.80 1.68 11.61
CA GLN A 335 10.37 0.59 12.34
C GLN A 335 11.41 1.09 13.33
N ILE A 336 11.81 0.17 14.21
CA ILE A 336 13.03 0.25 15.01
C ILE A 336 13.79 -1.02 14.71
N LYS A 337 15.01 -0.88 14.20
CA LYS A 337 15.77 -2.03 13.76
C LYS A 337 17.27 -1.73 13.64
N TYR A 338 18.07 -2.73 13.93
CA TYR A 338 19.48 -2.72 13.60
C TYR A 338 19.66 -3.05 12.13
N SER A 339 20.69 -2.45 11.53
CA SER A 339 20.92 -2.60 10.10
C SER A 339 22.41 -2.78 9.89
N ILE A 340 22.77 -3.93 9.35
CA ILE A 340 24.16 -4.28 9.07
C ILE A 340 24.32 -4.37 7.56
N MET A 341 25.36 -3.72 7.06
CA MET A 341 25.67 -3.72 5.64
C MET A 341 27.16 -4.01 5.53
N HIS A 342 27.53 -4.86 4.57
CA HIS A 342 28.90 -5.36 4.42
C HIS A 342 29.55 -4.78 3.17
N PRO A 343 30.87 -4.93 3.02
CA PRO A 343 31.54 -4.32 1.86
C PRO A 343 31.06 -4.93 0.56
N GLY A 344 31.11 -4.12 -0.50
CA GLY A 344 30.56 -4.52 -1.78
C GLY A 344 29.07 -4.32 -1.94
N THR A 345 28.44 -3.43 -1.16
CA THR A 345 27.02 -3.26 -1.18
C THR A 345 26.70 -1.91 -1.80
N HIS A 346 25.76 -1.91 -2.74
CA HIS A 346 25.18 -0.70 -3.31
C HIS A 346 23.68 -0.87 -3.24
N VAL A 347 23.00 0.00 -2.48
CA VAL A 347 21.55 0.03 -2.42
C VAL A 347 21.06 0.95 -3.52
N TRP A 348 20.17 0.45 -4.36
CA TRP A 348 19.60 1.24 -5.44
C TRP A 348 18.99 2.53 -4.88
N PRO A 349 19.05 3.63 -5.61
CA PRO A 349 18.18 4.75 -5.27
C PRO A 349 16.74 4.27 -5.08
N HIS A 350 16.14 4.71 -3.97
CA HIS A 350 14.75 4.39 -3.68
C HIS A 350 14.12 5.39 -2.71
N THR A 351 12.82 5.23 -2.57
CA THR A 351 11.97 6.04 -1.72
C THR A 351 11.22 5.11 -0.79
N GLY A 352 11.01 5.51 0.43
CA GLY A 352 10.08 4.85 1.32
C GLY A 352 8.62 5.15 0.95
N PRO A 353 7.70 4.49 1.61
CA PRO A 353 6.31 4.59 1.20
C PRO A 353 5.52 5.78 1.73
N THR A 354 6.00 6.44 2.79
CA THR A 354 5.15 7.42 3.43
C THR A 354 5.93 8.65 3.82
N ASN A 355 5.30 9.82 3.64
CA ASN A 355 5.93 11.03 4.17
C ASN A 355 5.63 11.24 5.65
N CYS A 356 5.07 10.24 6.32
CA CYS A 356 4.57 10.39 7.69
C CYS A 356 5.59 9.98 8.74
N ARG A 357 6.81 9.61 8.34
CA ARG A 357 7.85 9.26 9.28
C ARG A 357 9.11 10.03 8.92
N LEU A 358 9.94 10.25 9.92
CA LEU A 358 11.34 10.60 9.73
C LEU A 358 12.19 9.44 10.22
N ARG A 359 13.41 9.33 9.68
CA ARG A 359 14.26 8.16 9.92
C ARG A 359 15.55 8.61 10.59
N MET A 360 15.71 8.23 11.86
CA MET A 360 16.97 8.40 12.57
C MET A 360 17.89 7.23 12.32
N HIS A 361 19.18 7.51 12.17
CA HIS A 361 20.26 6.55 12.06
C HIS A 361 21.28 6.87 13.14
N LEU A 362 21.49 5.94 14.06
CA LEU A 362 22.50 6.03 15.09
C LEU A 362 23.68 5.18 14.66
N GLY A 363 24.87 5.78 14.58
CA GLY A 363 26.06 5.01 14.22
C GLY A 363 26.48 4.11 15.36
N LEU A 364 26.79 2.88 15.03
CA LEU A 364 27.19 1.90 16.03
C LEU A 364 28.58 1.35 15.76
N VAL A 365 28.80 0.77 14.58
CA VAL A 365 30.12 0.36 14.13
C VAL A 365 30.27 0.96 12.74
N ILE A 366 31.14 1.95 12.61
CA ILE A 366 31.29 2.67 11.36
C ILE A 366 32.74 2.60 10.89
N PRO A 367 33.03 1.86 9.82
CA PRO A 367 34.40 1.86 9.29
C PRO A 367 34.85 3.27 8.97
N LYS A 368 36.16 3.51 9.09
CA LYS A 368 36.71 4.85 8.89
C LYS A 368 36.39 5.40 7.49
N GLU A 369 36.45 4.57 6.45
CA GLU A 369 36.02 5.03 5.14
C GLU A 369 35.25 3.96 4.39
N GLY A 370 34.58 4.38 3.30
CA GLY A 370 33.85 3.50 2.44
C GLY A 370 32.33 3.54 2.58
N CYS A 371 31.79 4.15 3.63
CA CYS A 371 30.36 4.10 3.89
C CYS A 371 29.72 5.47 3.74
N LYS A 372 28.63 5.53 2.98
CA LYS A 372 27.99 6.83 2.83
C LYS A 372 26.56 6.70 2.33
N ILE A 373 25.76 7.71 2.69
CA ILE A 373 24.33 7.74 2.35
C ILE A 373 24.01 9.07 1.71
N ARG A 374 23.46 9.02 0.49
CA ARG A 374 22.92 10.20 -0.19
C ARG A 374 21.42 10.23 0.00
N CYS A 375 20.90 11.41 0.32
CA CYS A 375 19.45 11.67 0.34
C CYS A 375 19.21 12.90 -0.48
N ALA A 376 18.35 12.78 -1.49
CA ALA A 376 18.14 13.87 -2.44
C ALA A 376 19.49 14.36 -2.95
N ASN A 377 19.86 15.58 -2.63
CA ASN A 377 21.07 16.20 -3.15
C ASN A 377 22.07 16.48 -2.03
N GLU A 378 22.13 15.61 -1.03
CA GLU A 378 23.06 15.77 0.08
C GLU A 378 23.58 14.39 0.48
N THR A 379 24.89 14.21 0.42
CA THR A 379 25.53 12.97 0.85
C THR A 379 26.24 13.18 2.18
N LYS A 380 26.08 12.23 3.08
CA LYS A 380 26.57 12.34 4.44
C LYS A 380 27.13 11.00 4.88
N THR A 381 27.89 11.04 5.99
CA THR A 381 28.47 9.84 6.57
C THR A 381 28.05 9.69 8.02
N TRP A 382 28.08 8.45 8.47
CA TRP A 382 27.76 8.13 9.84
C TRP A 382 28.94 8.39 10.75
N GLU A 383 28.66 8.51 12.04
CA GLU A 383 29.67 8.59 13.08
C GLU A 383 29.21 7.71 14.23
N GLU A 384 30.14 6.96 14.81
CA GLU A 384 29.79 6.12 15.94
C GLU A 384 29.28 6.98 17.09
N GLY A 385 28.10 6.64 17.60
CA GLY A 385 27.51 7.40 18.69
C GLY A 385 26.78 8.65 18.31
N LYS A 386 26.54 8.88 17.03
CA LYS A 386 25.87 10.09 16.57
C LYS A 386 24.68 9.74 15.71
N VAL A 387 23.65 10.58 15.81
CA VAL A 387 22.41 10.39 15.07
C VAL A 387 22.43 11.31 13.85
N LEU A 388 22.09 10.74 12.71
CA LEU A 388 21.62 11.43 11.51
C LEU A 388 20.09 11.28 11.39
N ILE A 389 19.45 12.25 10.77
CA ILE A 389 18.01 12.21 10.58
C ILE A 389 17.69 12.65 9.16
N PHE A 390 16.97 11.82 8.41
CA PHE A 390 16.54 12.18 7.06
C PHE A 390 15.12 11.71 6.84
N ASP A 391 14.49 12.30 5.83
CA ASP A 391 13.14 11.96 5.42
C ASP A 391 13.27 10.94 4.29
N ASP A 392 13.07 9.68 4.62
CA ASP A 392 13.31 8.64 3.62
C ASP A 392 12.20 8.56 2.57
N SER A 393 11.19 9.44 2.62
CA SER A 393 10.27 9.60 1.52
C SER A 393 10.91 10.33 0.35
N PHE A 394 12.06 10.94 0.57
CA PHE A 394 12.92 11.45 -0.49
C PHE A 394 13.83 10.34 -0.98
N GLU A 395 14.16 10.38 -2.27
CA GLU A 395 15.01 9.36 -2.85
C GLU A 395 16.36 9.34 -2.12
N HIS A 396 16.83 8.13 -1.81
CA HIS A 396 18.10 7.99 -1.11
C HIS A 396 18.80 6.71 -1.57
N GLU A 397 20.11 6.70 -1.37
CA GLU A 397 21.02 5.71 -1.94
C GLU A 397 22.14 5.49 -0.94
N VAL A 398 22.64 4.25 -0.86
CA VAL A 398 23.72 3.96 0.07
C VAL A 398 24.78 3.10 -0.58
N TRP A 399 26.03 3.38 -0.21
CA TRP A 399 27.18 2.57 -0.59
C TRP A 399 27.97 2.08 0.62
N GLN A 400 28.46 0.85 0.51
CA GLN A 400 29.35 0.22 1.47
C GLN A 400 30.53 -0.38 0.69
N ASP A 401 31.65 0.34 0.72
CA ASP A 401 32.90 -0.09 0.11
C ASP A 401 34.04 -0.05 1.13
N ALA A 402 33.78 -0.46 2.36
CA ALA A 402 34.82 -0.46 3.39
C ALA A 402 35.54 -1.81 3.36
N SER A 403 36.23 -2.17 4.43
CA SER A 403 36.90 -3.45 4.50
C SER A 403 36.35 -4.31 5.62
N SER A 404 35.24 -3.89 6.20
CA SER A 404 34.56 -4.61 7.28
C SER A 404 33.16 -4.06 7.40
N PHE A 405 32.38 -4.64 8.32
CA PHE A 405 30.95 -4.42 8.38
C PHE A 405 30.63 -3.06 8.99
N ARG A 406 29.46 -2.55 8.61
CA ARG A 406 28.89 -1.29 9.09
C ARG A 406 27.56 -1.59 9.76
N LEU A 407 27.45 -1.23 11.04
CA LEU A 407 26.26 -1.45 11.84
C LEU A 407 25.68 -0.10 12.25
N ILE A 408 24.39 0.11 11.96
CA ILE A 408 23.66 1.27 12.39
C ILE A 408 22.42 0.82 13.11
N PHE A 409 21.81 1.78 13.81
CA PHE A 409 20.51 1.62 14.47
C PHE A 409 19.48 2.59 13.90
N ILE A 410 18.36 2.07 13.39
CA ILE A 410 17.34 2.85 12.69
C ILE A 410 16.15 3.00 13.62
N VAL A 411 15.81 4.23 13.89
CA VAL A 411 14.67 4.61 14.74
C VAL A 411 13.77 5.55 13.96
N ASP A 412 12.57 5.08 13.60
CA ASP A 412 11.62 5.90 12.89
C ASP A 412 10.71 6.62 13.86
N VAL A 413 10.46 7.89 13.60
CA VAL A 413 9.52 8.68 14.38
C VAL A 413 8.39 9.18 13.47
N TRP A 414 7.23 9.50 14.10
CA TRP A 414 6.18 10.21 13.41
C TRP A 414 6.72 11.56 12.96
N HIS A 415 6.41 11.93 11.73
CA HIS A 415 6.62 13.30 11.33
C HIS A 415 6.13 14.23 12.43
N PRO A 416 6.96 15.18 12.89
CA PRO A 416 6.57 15.95 14.09
C PRO A 416 5.32 16.81 13.94
N GLU A 417 4.96 17.25 12.73
CA GLU A 417 3.74 18.05 12.58
C GLU A 417 2.48 17.21 12.57
N LEU A 418 2.57 15.88 12.69
CA LEU A 418 1.35 15.08 12.73
C LEU A 418 0.69 15.25 14.09
N THR A 419 -0.62 15.42 14.09
CA THR A 419 -1.35 15.65 15.34
C THR A 419 -1.51 14.33 16.10
N PRO A 420 -1.85 14.41 17.39
CA PRO A 420 -2.14 13.17 18.15
C PRO A 420 -3.18 12.27 17.46
N GLN A 421 -4.26 12.88 16.99
CA GLN A 421 -5.34 12.10 16.39
C GLN A 421 -4.88 11.49 15.06
N GLN A 422 -4.08 12.24 14.30
CA GLN A 422 -3.47 11.69 13.10
C GLN A 422 -2.59 10.50 13.44
N ARG A 423 -1.74 10.62 14.46
CA ARG A 423 -0.90 9.51 14.86
C ARG A 423 -1.73 8.30 15.28
N ARG A 424 -2.92 8.54 15.78
CA ARG A 424 -3.72 7.43 16.26
C ARG A 424 -4.51 6.75 15.15
N SER A 425 -4.86 7.48 14.07
CA SER A 425 -5.79 6.95 13.10
C SER A 425 -5.16 6.51 11.78
N LEU A 426 -4.06 7.10 11.36
CA LEU A 426 -3.50 6.75 10.07
C LEU A 426 -3.30 5.23 9.99
N PRO A 427 -3.77 4.57 8.94
CA PRO A 427 -3.53 3.13 8.83
C PRO A 427 -2.05 2.80 8.85
N ALA A 428 -1.74 1.68 9.52
CA ALA A 428 -0.38 1.24 9.69
C ALA A 428 0.23 0.88 8.35
N ILE A 429 1.53 1.15 8.22
CA ILE A 429 2.34 0.74 7.05
C ILE A 429 3.63 0.08 7.55
N GLY B 14 3.32 -9.58 2.48
CA GLY B 14 4.30 -8.56 2.13
C GLY B 14 3.96 -7.19 2.68
N LYS B 15 4.94 -6.51 3.27
CA LYS B 15 4.77 -5.19 3.81
C LYS B 15 5.75 -4.21 3.18
N CYS B 16 5.37 -2.94 3.15
CA CYS B 16 6.21 -1.87 2.65
C CYS B 16 7.00 -1.31 3.83
N LYS B 17 8.27 -1.70 3.94
CA LYS B 17 9.07 -1.27 5.06
C LYS B 17 9.99 -0.15 4.62
N ASP B 18 10.94 -0.48 3.75
N ASP B 18 10.96 -0.47 3.76
CA ASP B 18 11.91 0.47 3.20
CA ASP B 18 11.88 0.50 3.21
C ASP B 18 11.54 0.97 1.81
C ASP B 18 11.43 1.06 1.87
N GLY B 19 10.56 0.35 1.15
CA GLY B 19 10.22 0.70 -0.20
C GLY B 19 8.73 0.63 -0.47
N LEU B 20 8.37 0.75 -1.74
CA LEU B 20 7.00 0.75 -2.23
C LEU B 20 6.74 -0.40 -3.21
N GLY B 21 7.21 -1.61 -2.88
CA GLY B 21 7.15 -2.69 -3.85
C GLY B 21 5.84 -3.45 -3.90
N GLU B 22 5.02 -3.38 -2.85
CA GLU B 22 3.74 -4.09 -2.86
C GLU B 22 2.69 -3.31 -3.63
N TYR B 23 1.72 -4.03 -4.17
CA TYR B 23 0.67 -3.33 -4.94
C TYR B 23 -0.06 -2.33 -4.04
N THR B 24 -0.27 -2.68 -2.77
CA THR B 24 -0.79 -1.78 -1.76
C THR B 24 -0.03 -2.05 -0.47
N CYS B 25 0.18 -0.97 0.31
CA CYS B 25 0.95 -0.99 1.54
C CYS B 25 0.10 -0.94 2.80
N THR B 26 -1.17 -0.63 2.68
CA THR B 26 -2.08 -0.60 3.81
C THR B 26 -3.09 -1.72 3.65
N SER B 27 -3.73 -2.06 4.76
N SER B 27 -3.72 -2.05 4.77
CA SER B 27 -4.83 -3.03 4.76
CA SER B 27 -4.82 -3.02 4.83
C SER B 27 -6.04 -2.30 5.34
C SER B 27 -6.02 -2.26 5.37
N LEU B 28 -6.86 -1.74 4.47
CA LEU B 28 -7.98 -0.89 4.89
C LEU B 28 -9.12 -1.69 5.53
N GLU B 29 -9.96 -0.96 6.26
CA GLU B 29 -11.01 -1.58 7.06
C GLU B 29 -12.25 -0.69 7.08
N GLY B 30 -12.66 -0.20 5.90
CA GLY B 30 -13.92 0.53 5.78
C GLY B 30 -13.79 2.00 6.16
N PHE B 31 -14.89 2.56 6.66
CA PHE B 31 -14.95 3.98 7.04
C PHE B 31 -13.97 4.31 8.19
C1 GOL C . 5.58 -4.22 -25.28
O1 GOL C . 6.54 -5.07 -24.76
C2 GOL C . 4.88 -5.01 -26.38
O2 GOL C . 5.20 -6.35 -26.32
C3 GOL C . 3.39 -4.76 -26.18
O3 GOL C . 2.73 -5.64 -27.05
H11 GOL C . 5.95 -3.40 -25.64
H12 GOL C . 4.92 -3.94 -24.62
HO1 GOL C . 6.45 -5.82 -25.18
H2 GOL C . 5.16 -4.69 -27.25
HO2 GOL C . 4.63 -6.77 -26.81
H31 GOL C . 3.19 -3.83 -26.36
H32 GOL C . 3.17 -4.89 -25.25
HO3 GOL C . 1.91 -5.59 -26.87
MN MN D . 15.64 3.30 2.56
C10 QA8 E . 17.06 3.41 5.06
C01 QA8 E . 19.84 2.50 1.84
C02 QA8 E . 19.95 1.72 3.15
C03 QA8 E . 19.38 2.56 4.30
C04 QA8 E . 19.49 1.73 5.59
C05 QA8 E . 20.91 1.30 5.89
C08 QA8 E . 17.94 2.89 3.98
O06 QA8 E . 21.11 0.28 6.59
O07 QA8 E . 21.85 1.96 5.45
O09 QA8 E . 17.41 2.75 2.90
O11 QA8 E . 17.54 3.61 6.20
O12 QA8 E . 15.85 3.61 4.75
H012 QA8 E . 20.72 2.32 1.24
H013 QA8 E . 19.75 3.56 2.05
H011 QA8 E . 18.95 2.17 1.29
H021 QA8 E . 19.38 0.80 3.07
H022 QA8 E . 20.98 1.49 3.35
H031 QA8 E . 19.92 3.49 4.46
H041 QA8 E . 19.12 2.32 6.41
H042 QA8 E . 18.87 0.85 5.48
#